data_9FZD
#
_entry.id   9FZD
#
_cell.length_a   52.398
_cell.length_b   52.572
_cell.length_c   256.746
_cell.angle_alpha   90.000
_cell.angle_beta   90.000
_cell.angle_gamma   90.000
#
_symmetry.space_group_name_H-M   'I 2 2 2'
#
loop_
_entity.id
_entity.type
_entity.pdbx_description
1 polymer 'Outer membrane protein A'
2 polymer 'Nanobody 39'
3 water water
#
loop_
_entity_poly.entity_id
_entity_poly.type
_entity_poly.pdbx_seq_one_letter_code
_entity_poly.pdbx_strand_id
1 'polypeptide(L)'
;MSAPKDNTWYTGAKLGWSQYHDTGFIPNNGPTHENQLGAGAFGGYQVNPYVGFEMGYDWLGRMPYKGDNINGAYKAQGVQ
LTAKLGYPITDDLDIYTRLGGMVWRADTKANVPGGASFKDHDTGVSPVFAGGVEYAITPEIATRLEYQWTNNIGDAHTIG
TRPDNGMLSLGVSYRFA
;
A
2 'polypeptide(L)'
;GPSQRQLVESGGGLVHTGGSLKLSCVPNGSIFNFNPMGWYRQVSGQQRELVATLTRDGVENYASSVKGRFTISRDSAKNT
LYLQMTDVKPGDAAVYICHANYRIGRNDLPVWGKGTPVTVSA
;
B
#
# COMPACT_ATOMS: atom_id res chain seq x y z
N SER A 2 -2.27 43.05 -10.39
CA SER A 2 -2.20 41.71 -11.04
C SER A 2 -2.70 40.57 -10.16
N ALA A 3 -2.39 40.53 -8.86
CA ALA A 3 -3.24 39.82 -7.91
C ALA A 3 -4.70 40.28 -8.08
N PRO A 4 -5.71 39.41 -7.89
CA PRO A 4 -7.10 39.81 -8.07
C PRO A 4 -7.41 41.07 -7.27
N LYS A 5 -8.36 41.88 -7.74
CA LYS A 5 -8.73 43.11 -7.03
C LYS A 5 -9.24 42.80 -5.62
N ASP A 6 -9.11 43.75 -4.69
CA ASP A 6 -9.50 43.52 -3.30
C ASP A 6 -10.94 43.06 -3.21
N ASN A 7 -11.24 42.12 -2.31
CA ASN A 7 -12.60 41.61 -2.09
C ASN A 7 -13.21 41.05 -3.38
N THR A 8 -12.47 40.20 -4.08
CA THR A 8 -12.97 39.50 -5.29
C THR A 8 -12.88 38.01 -5.16
N TRP A 9 -13.85 37.33 -5.74
CA TRP A 9 -13.93 35.89 -5.86
C TRP A 9 -13.27 35.40 -7.14
N TYR A 10 -12.77 34.18 -7.11
CA TYR A 10 -12.28 33.50 -8.30
C TYR A 10 -12.56 32.01 -8.21
N THR A 11 -12.62 31.37 -9.37
CA THR A 11 -12.76 29.92 -9.51
C THR A 11 -11.82 29.42 -10.58
N GLY A 12 -11.33 28.19 -10.49
CA GLY A 12 -10.40 27.63 -11.43
C GLY A 12 -10.30 26.13 -11.40
N ALA A 13 -9.48 25.60 -12.29
CA ALA A 13 -9.15 24.19 -12.35
C ALA A 13 -7.67 24.00 -12.67
N LYS A 14 -7.15 22.81 -12.40
CA LYS A 14 -5.75 22.46 -12.58
C LYS A 14 -5.58 21.05 -13.09
N LEU A 15 -4.55 20.83 -13.87
CA LEU A 15 -4.04 19.53 -14.28
C LEU A 15 -2.58 19.47 -13.89
N GLY A 16 -2.10 18.30 -13.52
CA GLY A 16 -0.73 18.17 -13.07
C GLY A 16 -0.12 16.80 -13.16
N TRP A 17 1.20 16.81 -13.09
CA TRP A 17 2.06 15.67 -12.91
C TRP A 17 2.13 15.39 -11.42
N SER A 18 1.47 14.34 -10.99
CA SER A 18 1.44 13.88 -9.61
C SER A 18 2.45 12.76 -9.43
N GLN A 19 3.23 12.80 -8.36
CA GLN A 19 4.15 11.75 -8.00
C GLN A 19 4.14 11.50 -6.49
N TYR A 20 3.88 10.26 -6.10
CA TYR A 20 3.93 9.83 -4.72
C TYR A 20 5.34 9.44 -4.30
N HIS A 21 5.62 9.61 -3.02
CA HIS A 21 6.92 9.36 -2.37
C HIS A 21 6.69 8.63 -1.05
N ASP A 22 7.71 7.90 -0.53
CA ASP A 22 7.63 7.04 0.70
C ASP A 22 6.45 6.10 0.46
N THR A 23 6.55 5.30 -0.59
CA THR A 23 5.42 4.52 -1.14
C THR A 23 5.30 3.09 -0.63
N GLY A 24 5.97 2.74 0.46
CA GLY A 24 5.93 1.39 1.05
C GLY A 24 4.54 0.89 1.31
N PHE A 25 4.21 -0.31 0.82
CA PHE A 25 2.85 -0.84 0.93
C PHE A 25 2.84 -2.37 0.88
N ILE A 26 3.18 -2.93 -0.29
CA ILE A 26 3.28 -4.36 -0.53
C ILE A 26 4.63 -4.72 -1.16
N PRO A 27 5.19 -5.91 -0.92
CA PRO A 27 6.45 -6.36 -1.50
C PRO A 27 6.32 -6.91 -2.92
N ASN A 28 5.67 -6.18 -3.82
CA ASN A 28 5.43 -6.60 -5.20
C ASN A 28 6.72 -6.70 -6.03
N ASN A 29 6.87 -7.74 -6.84
CA ASN A 29 8.07 -7.98 -7.64
C ASN A 29 8.11 -7.25 -8.99
N GLY A 30 7.05 -6.55 -9.38
CA GLY A 30 6.99 -5.81 -10.64
C GLY A 30 7.26 -4.31 -10.51
N PRO A 31 7.02 -3.53 -11.57
CA PRO A 31 7.11 -2.09 -11.55
C PRO A 31 6.07 -1.45 -10.62
N THR A 32 6.32 -0.19 -10.30
CA THR A 32 5.30 0.71 -9.73
C THR A 32 5.30 1.96 -10.58
N HIS A 33 4.13 2.44 -10.98
CA HIS A 33 4.04 3.60 -11.86
C HIS A 33 3.76 4.84 -11.02
N GLU A 34 4.85 5.50 -10.66
CA GLU A 34 4.88 6.57 -9.69
C GLU A 34 4.49 7.94 -10.23
N ASN A 35 4.52 8.15 -11.54
CA ASN A 35 4.09 9.39 -12.16
C ASN A 35 2.70 9.20 -12.74
N GLN A 36 1.75 10.03 -12.35
CA GLN A 36 0.34 9.91 -12.68
C GLN A 36 -0.26 11.28 -12.98
N LEU A 37 -1.37 11.32 -13.71
CA LEU A 37 -2.10 12.55 -13.89
C LEU A 37 -2.85 12.88 -12.60
N GLY A 38 -2.63 14.06 -12.06
CA GLY A 38 -3.44 14.65 -11.01
C GLY A 38 -4.30 15.77 -11.56
N ALA A 39 -5.41 16.04 -10.90
CA ALA A 39 -6.36 17.05 -11.33
C ALA A 39 -6.99 17.73 -10.11
N GLY A 40 -7.51 18.93 -10.27
CA GLY A 40 -8.32 19.52 -9.23
C GLY A 40 -9.13 20.72 -9.64
N ALA A 41 -10.11 21.03 -8.81
CA ALA A 41 -10.89 22.26 -8.88
C ALA A 41 -10.59 23.11 -7.66
N PHE A 42 -10.66 24.41 -7.78
CA PHE A 42 -10.47 25.32 -6.67
C PHE A 42 -11.26 26.61 -6.85
N GLY A 43 -11.55 27.25 -5.74
CA GLY A 43 -12.16 28.56 -5.67
C GLY A 43 -11.57 29.34 -4.53
N GLY A 44 -11.60 30.64 -4.60
CA GLY A 44 -11.02 31.47 -3.58
C GLY A 44 -11.55 32.88 -3.54
N TYR A 45 -11.08 33.59 -2.54
CA TYR A 45 -11.39 34.96 -2.27
C TYR A 45 -10.09 35.69 -1.98
N GLN A 46 -9.88 36.81 -2.64
CA GLN A 46 -8.68 37.62 -2.49
C GLN A 46 -9.01 38.79 -1.58
N VAL A 47 -8.30 38.91 -0.48
CA VAL A 47 -8.51 39.97 0.50
C VAL A 47 -7.89 41.27 0.00
N ASN A 48 -6.62 41.21 -0.33
CA ASN A 48 -5.77 42.31 -0.77
C ASN A 48 -4.72 41.76 -1.76
N PRO A 49 -3.82 42.56 -2.35
CA PRO A 49 -2.89 42.06 -3.36
C PRO A 49 -1.94 40.95 -2.88
N TYR A 50 -1.81 40.77 -1.57
CA TYR A 50 -0.87 39.89 -0.92
C TYR A 50 -1.54 38.66 -0.32
N VAL A 51 -2.80 38.75 0.10
CA VAL A 51 -3.48 37.72 0.87
C VAL A 51 -4.76 37.25 0.19
N GLY A 52 -4.92 35.95 0.10
CA GLY A 52 -6.16 35.32 -0.32
C GLY A 52 -6.33 33.98 0.37
N PHE A 53 -7.53 33.45 0.31
CA PHE A 53 -7.88 32.15 0.85
C PHE A 53 -8.52 31.33 -0.25
N GLU A 54 -8.17 30.06 -0.37
CA GLU A 54 -8.77 29.21 -1.37
C GLU A 54 -9.01 27.81 -0.86
N MET A 55 -10.04 27.20 -1.41
CA MET A 55 -10.48 25.86 -1.14
C MET A 55 -10.46 25.09 -2.45
N GLY A 56 -10.16 23.81 -2.41
CA GLY A 56 -10.20 22.99 -3.61
C GLY A 56 -10.34 21.51 -3.33
N TYR A 57 -10.76 20.79 -4.35
CA TYR A 57 -10.71 19.34 -4.42
C TYR A 57 -9.55 18.92 -5.31
N ASP A 58 -8.78 17.95 -4.87
CA ASP A 58 -7.70 17.32 -5.62
C ASP A 58 -7.95 15.84 -5.80
N TRP A 59 -7.81 15.36 -7.03
CA TRP A 59 -7.57 13.98 -7.37
C TRP A 59 -6.06 13.80 -7.51
N LEU A 60 -5.43 12.98 -6.67
CA LEU A 60 -3.98 12.83 -6.65
C LEU A 60 -3.47 11.71 -7.54
N GLY A 61 -4.34 10.91 -8.14
CA GLY A 61 -3.98 9.85 -9.05
C GLY A 61 -3.86 8.48 -8.40
N ARG A 62 -3.99 7.43 -9.21
CA ARG A 62 -3.92 6.03 -8.81
C ARG A 62 -2.56 5.47 -9.17
N MET A 63 -1.85 4.95 -8.18
CA MET A 63 -0.56 4.29 -8.31
C MET A 63 -0.75 2.76 -8.29
N PRO A 64 -0.47 2.06 -9.39
CA PRO A 64 -0.48 0.61 -9.43
C PRO A 64 0.84 0.04 -8.90
N TYR A 65 0.75 -1.04 -8.13
CA TYR A 65 1.86 -1.85 -7.66
C TYR A 65 1.80 -3.19 -8.40
N LYS A 66 2.52 -3.33 -9.52
CA LYS A 66 2.44 -4.53 -10.37
C LYS A 66 3.30 -5.67 -9.83
N GLY A 67 2.93 -6.92 -10.09
CA GLY A 67 3.69 -8.10 -9.66
C GLY A 67 2.94 -9.41 -9.86
N ASP A 68 3.68 -10.53 -9.79
CA ASP A 68 3.10 -11.89 -9.96
C ASP A 68 3.06 -12.63 -8.62
N ASN A 69 3.66 -12.08 -7.56
CA ASN A 69 3.54 -12.68 -6.20
C ASN A 69 2.41 -11.97 -5.49
N ILE A 70 2.43 -10.65 -5.51
CA ILE A 70 1.35 -9.83 -4.97
C ILE A 70 1.29 -8.58 -5.84
N ASN A 71 0.09 -8.06 -6.08
CA ASN A 71 -0.10 -6.80 -6.78
C ASN A 71 -1.31 -6.06 -6.22
N GLY A 72 -1.43 -4.78 -6.53
CA GLY A 72 -2.41 -3.92 -5.90
C GLY A 72 -2.39 -2.49 -6.42
N ALA A 73 -3.03 -1.59 -5.70
CA ALA A 73 -3.05 -0.18 -6.02
C ALA A 73 -3.33 0.71 -4.79
N TYR A 74 -2.97 1.97 -4.93
CA TYR A 74 -3.28 3.00 -3.94
C TYR A 74 -3.80 4.19 -4.73
N LYS A 75 -4.78 4.90 -4.24
CA LYS A 75 -5.23 6.19 -4.76
C LYS A 75 -5.62 7.09 -3.62
N ALA A 76 -5.51 8.38 -3.84
CA ALA A 76 -5.94 9.37 -2.88
C ALA A 76 -6.55 10.60 -3.55
N GLN A 77 -7.39 11.26 -2.79
CA GLN A 77 -8.03 12.50 -3.16
C GLN A 77 -8.40 13.24 -1.88
N GLY A 78 -8.71 14.51 -1.97
CA GLY A 78 -9.14 15.24 -0.81
C GLY A 78 -9.66 16.62 -1.08
N VAL A 79 -10.10 17.26 -0.02
CA VAL A 79 -10.53 18.65 0.01
C VAL A 79 -9.53 19.43 0.83
N GLN A 80 -9.03 20.52 0.31
CA GLN A 80 -8.01 21.35 0.92
C GLN A 80 -8.50 22.77 1.14
N LEU A 81 -7.96 23.42 2.14
CA LEU A 81 -8.20 24.82 2.45
C LEU A 81 -6.84 25.44 2.76
N THR A 82 -6.49 26.52 2.09
CA THR A 82 -5.20 27.17 2.25
C THR A 82 -5.32 28.68 2.21
N ALA A 83 -4.41 29.33 2.90
CA ALA A 83 -4.09 30.73 2.70
C ALA A 83 -3.05 30.84 1.60
N LYS A 84 -3.24 31.77 0.67
CA LYS A 84 -2.29 32.11 -0.39
C LYS A 84 -1.65 33.45 -0.06
N LEU A 85 -0.34 33.44 0.10
CA LEU A 85 0.47 34.62 0.37
C LEU A 85 1.31 34.90 -0.87
N GLY A 86 1.13 36.06 -1.46
CA GLY A 86 1.72 36.42 -2.74
C GLY A 86 2.54 37.70 -2.67
N TYR A 87 3.60 37.74 -3.45
CA TYR A 87 4.44 38.90 -3.68
C TYR A 87 4.36 39.28 -5.16
N PRO A 88 3.95 40.50 -5.52
CA PRO A 88 3.94 40.96 -6.89
C PRO A 88 5.36 41.28 -7.35
N ILE A 89 6.07 40.25 -7.78
CA ILE A 89 7.44 40.30 -8.31
C ILE A 89 7.56 41.25 -9.49
N THR A 90 6.53 41.35 -10.32
CA THR A 90 6.31 42.41 -11.30
C THR A 90 4.88 42.86 -11.21
N ASP A 91 4.56 43.93 -11.92
CA ASP A 91 3.23 44.49 -11.95
C ASP A 91 2.23 43.62 -12.76
N ASP A 92 2.65 42.47 -13.31
CA ASP A 92 1.80 41.49 -14.02
C ASP A 92 2.01 40.03 -13.58
N LEU A 93 3.12 39.71 -12.92
CA LEU A 93 3.46 38.39 -12.40
C LEU A 93 3.53 38.41 -10.87
N ASP A 94 2.87 37.45 -10.23
CA ASP A 94 2.99 37.17 -8.81
C ASP A 94 3.79 35.90 -8.60
N ILE A 95 4.54 35.85 -7.50
CA ILE A 95 5.05 34.62 -6.91
C ILE A 95 4.33 34.39 -5.59
N TYR A 96 4.02 33.15 -5.24
CA TYR A 96 3.20 32.89 -4.06
C TYR A 96 3.56 31.59 -3.35
N THR A 97 3.16 31.50 -2.09
CA THR A 97 3.07 30.24 -1.36
C THR A 97 1.63 30.00 -0.93
N ARG A 98 1.24 28.73 -0.81
CA ARG A 98 -0.02 28.32 -0.20
C ARG A 98 0.27 27.46 1.00
N LEU A 99 -0.45 27.72 2.09
CA LEU A 99 -0.29 27.06 3.37
C LEU A 99 -1.64 26.67 3.92
N GLY A 100 -1.78 25.44 4.41
CA GLY A 100 -3.01 24.98 5.01
C GLY A 100 -3.03 23.48 5.16
N GLY A 101 -4.18 22.86 4.93
CA GLY A 101 -4.33 21.43 5.12
C GLY A 101 -5.33 20.81 4.17
N MET A 102 -5.32 19.49 4.13
CA MET A 102 -6.19 18.65 3.32
C MET A 102 -6.85 17.58 4.17
N VAL A 103 -8.17 17.47 4.06
CA VAL A 103 -8.90 16.28 4.47
C VAL A 103 -8.87 15.31 3.31
N TRP A 104 -8.31 14.15 3.56
CA TRP A 104 -8.07 13.18 2.48
C TRP A 104 -8.74 11.84 2.68
N ARG A 105 -9.10 11.22 1.58
CA ARG A 105 -9.45 9.80 1.55
C ARG A 105 -8.44 9.07 0.69
N ALA A 106 -7.86 8.02 1.24
CA ALA A 106 -6.99 7.12 0.51
C ALA A 106 -7.58 5.72 0.50
N ASP A 107 -7.51 5.05 -0.64
CA ASP A 107 -7.98 3.70 -0.84
C ASP A 107 -6.83 2.81 -1.28
N THR A 108 -6.78 1.58 -0.77
CA THR A 108 -5.84 0.55 -1.20
C THR A 108 -6.53 -0.74 -1.55
N LYS A 109 -5.89 -1.50 -2.43
CA LYS A 109 -6.23 -2.89 -2.69
C LYS A 109 -4.97 -3.71 -2.89
N ALA A 110 -5.06 -4.99 -2.60
CA ALA A 110 -4.05 -5.97 -3.01
C ALA A 110 -4.67 -7.36 -3.24
N ASN A 111 -4.10 -8.12 -4.16
CA ASN A 111 -4.45 -9.51 -4.40
C ASN A 111 -3.21 -10.35 -4.69
N VAL A 112 -3.34 -11.64 -4.42
CA VAL A 112 -2.28 -12.62 -4.76
C VAL A 112 -2.78 -13.25 -6.04
N PRO A 113 -2.05 -13.28 -7.16
CA PRO A 113 -2.54 -13.97 -8.35
C PRO A 113 -3.02 -15.41 -8.09
N GLY A 114 -4.18 -15.81 -8.63
CA GLY A 114 -4.78 -17.12 -8.35
C GLY A 114 -5.22 -17.35 -6.91
N GLY A 115 -5.25 -16.31 -6.08
CA GLY A 115 -5.53 -16.39 -4.65
C GLY A 115 -6.37 -15.22 -4.12
N ALA A 116 -6.19 -14.93 -2.83
CA ALA A 116 -6.99 -14.00 -2.05
C ALA A 116 -6.83 -12.52 -2.45
N SER A 117 -7.69 -11.65 -1.92
CA SER A 117 -7.63 -10.20 -2.12
C SER A 117 -8.29 -9.42 -0.99
N PHE A 118 -8.00 -8.13 -0.89
CA PHE A 118 -8.71 -7.19 -0.01
C PHE A 118 -8.81 -5.81 -0.64
N LYS A 119 -9.77 -5.02 -0.18
CA LYS A 119 -9.86 -3.57 -0.35
C LYS A 119 -9.97 -2.89 1.01
N ASP A 120 -9.34 -1.75 1.17
CA ASP A 120 -9.43 -0.95 2.39
C ASP A 120 -9.41 0.54 2.04
N HIS A 121 -9.84 1.38 2.96
CA HIS A 121 -9.74 2.82 2.83
C HIS A 121 -9.61 3.47 4.19
N ASP A 122 -9.07 4.67 4.22
CA ASP A 122 -8.99 5.50 5.41
C ASP A 122 -9.12 6.97 5.07
N THR A 123 -9.42 7.76 6.10
CA THR A 123 -9.60 9.20 6.06
C THR A 123 -8.76 9.82 7.15
N GLY A 124 -8.21 11.00 6.88
CA GLY A 124 -7.41 11.74 7.83
C GLY A 124 -7.07 13.11 7.30
N VAL A 125 -6.19 13.82 8.00
CA VAL A 125 -5.83 15.20 7.70
C VAL A 125 -4.33 15.34 7.56
N SER A 126 -3.89 16.14 6.59
CA SER A 126 -2.46 16.30 6.29
C SER A 126 -2.10 17.74 6.03
N PRO A 127 -0.86 18.17 6.26
CA PRO A 127 -0.48 19.52 5.90
C PRO A 127 -0.26 19.72 4.40
N VAL A 128 -0.58 20.89 3.86
CA VAL A 128 -0.36 21.22 2.46
C VAL A 128 0.54 22.43 2.40
N PHE A 129 1.58 22.34 1.60
CA PHE A 129 2.40 23.47 1.22
C PHE A 129 2.52 23.53 -0.30
N ALA A 130 2.44 24.72 -0.88
CA ALA A 130 2.71 24.90 -2.28
C ALA A 130 3.48 26.18 -2.53
N GLY A 131 4.21 26.20 -3.62
CA GLY A 131 4.84 27.40 -4.16
C GLY A 131 4.60 27.50 -5.65
N GLY A 132 4.46 28.69 -6.19
CA GLY A 132 4.21 28.86 -7.61
C GLY A 132 4.29 30.30 -8.06
N VAL A 133 4.02 30.50 -9.35
CA VAL A 133 3.87 31.82 -9.96
C VAL A 133 2.53 31.89 -10.67
N GLU A 134 1.96 33.08 -10.69
CA GLU A 134 0.69 33.35 -11.33
C GLU A 134 0.79 34.58 -12.23
N TYR A 135 0.34 34.43 -13.47
CA TYR A 135 0.36 35.49 -14.47
C TYR A 135 -1.06 35.85 -14.89
N ALA A 136 -1.39 37.15 -14.86
CA ALA A 136 -2.68 37.63 -15.31
C ALA A 136 -2.68 37.85 -16.82
N ILE A 137 -3.38 36.98 -17.55
CA ILE A 137 -3.47 37.04 -19.01
C ILE A 137 -4.42 38.18 -19.43
N THR A 138 -5.53 38.29 -18.74
CA THR A 138 -6.51 39.35 -18.85
C THR A 138 -6.95 39.73 -17.45
N PRO A 139 -7.69 40.83 -17.24
CA PRO A 139 -8.23 41.12 -15.91
C PRO A 139 -9.11 40.00 -15.35
N GLU A 140 -9.73 39.20 -16.21
CA GLU A 140 -10.57 38.09 -15.81
C GLU A 140 -9.83 36.75 -15.71
N ILE A 141 -8.78 36.51 -16.48
CA ILE A 141 -8.12 35.19 -16.57
C ILE A 141 -6.68 35.26 -16.08
N ALA A 142 -6.29 34.31 -15.26
CA ALA A 142 -4.90 34.11 -14.87
C ALA A 142 -4.51 32.64 -14.95
N THR A 143 -3.22 32.39 -15.11
CA THR A 143 -2.65 31.04 -15.10
C THR A 143 -1.61 30.89 -14.01
N ARG A 144 -1.57 29.70 -13.42
CA ARG A 144 -0.67 29.32 -12.32
C ARG A 144 0.20 28.19 -12.76
N LEU A 145 1.48 28.24 -12.40
CA LEU A 145 2.33 27.07 -12.35
C LEU A 145 2.77 26.92 -10.91
N GLU A 146 2.53 25.77 -10.30
CA GLU A 146 2.88 25.52 -8.91
C GLU A 146 3.29 24.09 -8.65
N TYR A 147 4.03 23.90 -7.57
CA TYR A 147 4.29 22.60 -6.99
C TYR A 147 3.59 22.51 -5.64
N GLN A 148 2.78 21.48 -5.43
CA GLN A 148 2.05 21.24 -4.20
C GLN A 148 2.55 19.98 -3.51
N TRP A 149 3.02 20.12 -2.28
CA TRP A 149 3.46 19.03 -1.43
C TRP A 149 2.43 18.75 -0.35
N THR A 150 2.02 17.49 -0.20
CA THR A 150 1.02 17.06 0.83
C THR A 150 1.68 15.91 1.61
N ASN A 151 1.65 15.92 2.93
CA ASN A 151 2.40 14.93 3.74
C ASN A 151 1.55 13.84 4.38
N ASN A 152 2.05 12.61 4.46
CA ASN A 152 1.41 11.49 5.19
C ASN A 152 -0.04 11.28 4.80
N ILE A 153 -0.29 10.93 3.54
CA ILE A 153 -1.64 10.62 3.05
C ILE A 153 -1.91 9.15 3.36
N GLY A 154 -2.23 8.83 4.60
CA GLY A 154 -2.59 7.45 4.95
C GLY A 154 -2.27 7.10 6.38
N ASP A 155 -2.19 5.81 6.67
CA ASP A 155 -1.88 5.31 8.03
C ASP A 155 -1.35 3.89 7.86
N ALA A 156 -0.17 3.60 8.35
CA ALA A 156 0.48 2.29 8.18
C ALA A 156 -0.25 1.21 8.98
N HIS A 157 -0.94 1.59 10.05
CA HIS A 157 -1.70 0.62 10.84
C HIS A 157 -3.04 0.24 10.21
N THR A 158 -3.60 1.03 9.30
CA THR A 158 -4.88 0.72 8.65
C THR A 158 -4.66 0.19 7.23
N ILE A 159 -4.61 1.07 6.21
CA ILE A 159 -4.47 0.73 4.76
C ILE A 159 -3.09 0.15 4.42
N GLY A 160 -2.12 0.32 5.29
CA GLY A 160 -0.79 -0.25 5.14
C GLY A 160 0.25 0.65 4.49
N THR A 161 -0.07 1.93 4.28
CA THR A 161 0.84 2.90 3.61
C THR A 161 0.45 4.33 3.97
N ARG A 162 1.42 5.23 4.01
CA ARG A 162 1.19 6.66 4.33
C ARG A 162 2.12 7.45 3.44
N PRO A 163 1.92 7.39 2.13
CA PRO A 163 2.78 8.09 1.22
C PRO A 163 2.67 9.61 1.27
N ASP A 164 3.66 10.29 0.74
CA ASP A 164 3.59 11.75 0.55
C ASP A 164 3.24 11.97 -0.92
N ASN A 165 2.69 13.12 -1.29
CA ASN A 165 2.44 13.47 -2.67
C ASN A 165 3.09 14.80 -3.02
N GLY A 166 3.84 14.80 -4.13
CA GLY A 166 4.21 16.00 -4.84
C GLY A 166 3.38 16.14 -6.10
N MET A 167 2.97 17.35 -6.46
CA MET A 167 2.23 17.59 -7.69
C MET A 167 2.64 18.90 -8.33
N LEU A 168 3.23 18.82 -9.52
CA LEU A 168 3.46 19.98 -10.37
C LEU A 168 2.22 20.18 -11.20
N SER A 169 1.67 21.38 -11.27
CA SER A 169 0.41 21.60 -11.97
C SER A 169 0.36 22.94 -12.67
N LEU A 170 -0.34 22.95 -13.80
CA LEU A 170 -0.80 24.14 -14.47
C LEU A 170 -2.26 24.33 -14.10
N GLY A 171 -2.61 25.54 -13.70
CA GLY A 171 -3.98 25.91 -13.40
C GLY A 171 -4.41 27.16 -14.13
N VAL A 172 -5.71 27.32 -14.27
CA VAL A 172 -6.35 28.47 -14.88
C VAL A 172 -7.47 28.91 -13.96
N SER A 173 -7.67 30.21 -13.80
CA SER A 173 -8.77 30.74 -13.01
C SER A 173 -9.47 31.93 -13.65
N TYR A 174 -10.77 32.06 -13.40
CA TYR A 174 -11.63 33.18 -13.74
C TYR A 174 -11.93 34.03 -12.51
N ARG A 175 -11.87 35.36 -12.64
CA ARG A 175 -12.09 36.34 -11.57
C ARG A 175 -13.43 37.05 -11.75
N PHE A 176 -14.29 36.99 -10.74
CA PHE A 176 -15.59 37.66 -10.67
C PHE A 176 -15.47 39.07 -10.07
N ALA A 177 -14.59 39.89 -10.63
CA ALA A 177 -14.38 41.27 -10.18
C ALA A 177 -15.58 42.16 -10.49
N ARG B 5 0.85 -20.61 -7.89
CA ARG B 5 2.28 -20.97 -8.01
C ARG B 5 3.08 -20.08 -7.08
N GLN B 6 2.52 -19.77 -5.92
CA GLN B 6 3.18 -18.83 -4.98
C GLN B 6 3.97 -19.63 -3.95
N LEU B 7 3.23 -20.65 -3.26
CA LEU B 7 4.10 -21.46 -2.36
C LEU B 7 4.30 -22.85 -2.98
N VAL B 8 5.54 -23.32 -3.11
CA VAL B 8 5.85 -24.61 -3.78
C VAL B 8 6.43 -25.58 -2.75
N GLU B 9 5.76 -26.69 -2.50
CA GLU B 9 6.19 -27.65 -1.46
C GLU B 9 6.87 -28.86 -2.10
N SER B 10 7.75 -29.49 -1.35
CA SER B 10 8.40 -30.75 -1.73
C SER B 10 8.72 -31.60 -0.51
N GLY B 11 8.85 -32.92 -0.71
CA GLY B 11 9.55 -33.80 0.24
C GLY B 11 8.72 -34.78 1.08
N GLY B 12 7.46 -35.02 0.75
CA GLY B 12 6.64 -36.00 1.48
C GLY B 12 6.90 -37.47 1.12
N GLY B 13 5.82 -38.25 0.98
CA GLY B 13 5.85 -39.68 0.67
C GLY B 13 5.65 -40.56 1.90
N LEU B 14 6.06 -41.81 1.81
CA LEU B 14 5.90 -42.81 2.87
C LEU B 14 6.89 -42.59 4.02
N VAL B 15 6.41 -42.71 5.25
CA VAL B 15 7.23 -42.87 6.45
C VAL B 15 6.67 -43.99 7.33
N HIS B 16 7.52 -44.69 8.06
CA HIS B 16 7.10 -45.69 9.04
C HIS B 16 6.74 -45.03 10.37
N THR B 17 5.89 -45.68 11.16
CA THR B 17 5.50 -45.22 12.49
C THR B 17 6.72 -45.06 13.39
N GLY B 18 6.83 -43.92 14.07
CA GLY B 18 8.00 -43.52 14.86
C GLY B 18 9.16 -42.96 14.04
N GLY B 19 9.09 -43.02 12.71
CA GLY B 19 10.07 -42.45 11.79
C GLY B 19 10.06 -40.92 11.73
N SER B 20 10.81 -40.39 10.77
CA SER B 20 11.04 -38.96 10.60
C SER B 20 11.04 -38.54 9.13
N LEU B 21 10.75 -37.27 8.88
CA LEU B 21 10.69 -36.65 7.55
C LEU B 21 11.03 -35.16 7.63
N LYS B 22 11.53 -34.60 6.53
CA LYS B 22 11.63 -33.15 6.32
C LYS B 22 10.84 -32.73 5.10
N LEU B 23 9.86 -31.87 5.30
CA LEU B 23 9.17 -31.13 4.23
C LEU B 23 9.84 -29.79 4.00
N SER B 24 9.80 -29.29 2.78
CA SER B 24 10.28 -27.95 2.42
C SER B 24 9.25 -27.18 1.62
N CYS B 25 9.20 -25.85 1.74
CA CYS B 25 8.35 -24.98 0.87
C CYS B 25 9.09 -23.69 0.49
N VAL B 26 9.26 -23.41 -0.80
CA VAL B 26 9.91 -22.16 -1.27
C VAL B 26 8.86 -21.18 -1.80
N PRO B 27 8.83 -19.91 -1.35
CA PRO B 27 7.82 -18.97 -1.78
C PRO B 27 8.18 -18.11 -3.01
N ASN B 28 7.20 -17.62 -3.77
CA ASN B 28 7.44 -16.64 -4.88
C ASN B 28 7.97 -15.41 -4.18
N GLY B 29 9.09 -14.86 -4.62
CA GLY B 29 9.70 -13.80 -3.81
C GLY B 29 10.16 -14.29 -2.45
N SER B 30 10.29 -13.40 -1.48
CA SER B 30 11.09 -13.64 -0.29
C SER B 30 10.28 -14.06 0.92
N ILE B 31 10.79 -15.03 1.68
CA ILE B 31 10.50 -15.13 3.12
C ILE B 31 10.74 -13.76 3.77
N PHE B 32 10.15 -13.46 4.93
CA PHE B 32 10.08 -12.10 5.49
C PHE B 32 9.18 -11.11 4.74
N ASN B 33 8.69 -11.39 3.52
CA ASN B 33 7.49 -10.73 3.00
C ASN B 33 6.23 -11.11 3.80
N PHE B 34 6.35 -12.19 4.56
CA PHE B 34 5.20 -12.75 5.29
C PHE B 34 5.36 -12.75 6.81
N ASN B 35 4.25 -12.65 7.51
CA ASN B 35 4.20 -12.83 8.95
C ASN B 35 2.82 -13.34 9.37
N PRO B 36 2.70 -14.53 9.97
CA PRO B 36 3.70 -15.61 10.00
C PRO B 36 3.73 -16.40 8.69
N MET B 37 4.62 -17.40 8.69
CA MET B 37 4.60 -18.44 7.67
C MET B 37 4.14 -19.64 8.50
N GLY B 38 3.67 -20.71 7.92
CA GLY B 38 3.33 -21.93 8.63
C GLY B 38 3.06 -23.14 7.76
N TRP B 39 2.69 -24.23 8.42
CA TRP B 39 2.22 -25.46 7.82
C TRP B 39 0.87 -25.82 8.39
N TYR B 40 0.00 -26.34 7.53
CA TYR B 40 -1.28 -26.91 7.88
C TYR B 40 -1.34 -28.34 7.34
N ARG B 41 -2.26 -29.15 7.84
CA ARG B 41 -2.51 -30.49 7.29
C ARG B 41 -3.99 -30.76 7.08
N GLN B 42 -4.32 -31.44 5.99
CA GLN B 42 -5.70 -31.79 5.66
C GLN B 42 -5.82 -33.25 5.21
N VAL B 43 -6.80 -33.97 5.78
CA VAL B 43 -7.26 -35.29 5.32
C VAL B 43 -8.50 -35.08 4.45
N SER B 44 -8.71 -35.91 3.43
CA SER B 44 -9.58 -35.58 2.29
C SER B 44 -11.02 -35.23 2.70
N GLY B 45 -11.32 -33.93 2.68
CA GLY B 45 -12.62 -33.36 3.05
C GLY B 45 -12.75 -32.90 4.51
N GLN B 46 -11.91 -33.35 5.43
CA GLN B 46 -11.83 -32.80 6.78
C GLN B 46 -11.24 -31.37 6.75
N GLN B 47 -11.33 -30.66 7.87
CA GLN B 47 -10.80 -29.31 8.03
C GLN B 47 -9.27 -29.27 7.89
N ARG B 48 -8.73 -28.10 7.54
CA ARG B 48 -7.28 -27.83 7.65
C ARG B 48 -6.93 -27.68 9.12
N GLU B 49 -6.09 -28.55 9.66
CA GLU B 49 -5.50 -28.38 11.00
C GLU B 49 -4.26 -27.51 10.86
N LEU B 50 -4.14 -26.45 11.64
CA LEU B 50 -2.86 -25.75 11.77
C LEU B 50 -1.86 -26.67 12.45
N VAL B 51 -0.68 -26.84 11.86
CA VAL B 51 0.40 -27.66 12.42
C VAL B 51 1.38 -26.78 13.20
N ALA B 52 2.00 -25.82 12.52
CA ALA B 52 2.99 -24.93 13.15
C ALA B 52 3.14 -23.60 12.40
N THR B 53 3.58 -22.56 13.09
CA THR B 53 3.83 -21.22 12.51
C THR B 53 5.13 -20.63 13.01
N LEU B 54 5.68 -19.70 12.24
CA LEU B 54 6.94 -19.03 12.47
C LEU B 54 6.81 -17.54 12.09
N THR B 55 6.98 -16.65 13.06
CA THR B 55 6.84 -15.20 12.84
C THR B 55 8.04 -14.64 12.08
N ARG B 56 7.95 -13.41 11.56
CA ARG B 56 9.09 -12.72 10.94
C ARG B 56 10.26 -12.61 11.91
N ASP B 57 9.99 -12.31 13.18
CA ASP B 57 10.98 -12.29 14.26
C ASP B 57 11.47 -13.68 14.72
N GLY B 58 10.99 -14.77 14.12
CA GLY B 58 11.48 -16.13 14.35
C GLY B 58 10.90 -16.84 15.57
N VAL B 59 9.84 -16.29 16.17
CA VAL B 59 9.09 -16.97 17.23
C VAL B 59 8.29 -18.11 16.62
N GLU B 60 8.24 -19.27 17.27
CA GLU B 60 7.61 -20.48 16.76
C GLU B 60 6.42 -20.92 17.63
N ASN B 61 5.36 -21.43 17.00
CA ASN B 61 4.17 -21.95 17.68
C ASN B 61 3.70 -23.23 17.01
N TYR B 62 3.10 -24.13 17.78
CA TYR B 62 2.72 -25.49 17.40
C TYR B 62 1.33 -25.84 17.90
N ALA B 63 0.59 -26.66 17.15
CA ALA B 63 -0.58 -27.35 17.69
C ALA B 63 -0.19 -28.42 18.72
N SER B 64 -1.00 -28.60 19.75
CA SER B 64 -0.74 -29.55 20.84
C SER B 64 -0.56 -31.00 20.34
N SER B 65 -1.19 -31.36 19.22
CA SER B 65 -1.09 -32.67 18.58
C SER B 65 0.30 -33.01 18.02
N VAL B 66 1.18 -32.01 17.85
CA VAL B 66 2.53 -32.18 17.26
C VAL B 66 3.66 -31.56 18.09
N LYS B 67 3.33 -30.78 19.12
CA LYS B 67 4.32 -30.14 20.00
C LYS B 67 5.32 -31.15 20.54
N GLY B 68 6.61 -30.81 20.45
CA GLY B 68 7.73 -31.67 20.85
C GLY B 68 8.10 -32.79 19.87
N ARG B 69 7.26 -33.11 18.89
CA ARG B 69 7.52 -34.12 17.86
C ARG B 69 7.93 -33.47 16.54
N PHE B 70 7.19 -32.46 16.10
CA PHE B 70 7.52 -31.70 14.89
C PHE B 70 8.23 -30.40 15.27
N THR B 71 9.04 -29.86 14.35
CA THR B 71 9.71 -28.58 14.51
C THR B 71 9.73 -27.77 13.21
N ILE B 72 9.47 -26.47 13.31
CA ILE B 72 9.35 -25.52 12.19
C ILE B 72 10.60 -24.64 12.10
N SER B 73 11.14 -24.45 10.91
CA SER B 73 12.36 -23.68 10.70
C SER B 73 12.41 -23.08 9.29
N ARG B 74 13.38 -22.20 9.04
CA ARG B 74 13.65 -21.59 7.74
C ARG B 74 15.13 -21.44 7.51
N ASP B 75 15.53 -21.25 6.26
CA ASP B 75 16.86 -20.82 5.89
C ASP B 75 16.78 -19.71 4.84
N SER B 76 17.08 -18.48 5.24
CA SER B 76 16.94 -17.29 4.42
C SER B 76 17.80 -17.33 3.17
N ALA B 77 19.01 -17.88 3.25
CA ALA B 77 19.90 -18.02 2.11
C ALA B 77 19.35 -18.99 1.07
N LYS B 78 18.62 -20.02 1.50
CA LYS B 78 17.88 -20.94 0.64
C LYS B 78 16.52 -20.39 0.19
N ASN B 79 15.98 -19.40 0.89
CA ASN B 79 14.60 -18.94 0.76
C ASN B 79 13.59 -20.07 0.99
N THR B 80 13.81 -20.89 2.00
CA THR B 80 13.03 -22.10 2.25
C THR B 80 12.52 -22.18 3.68
N LEU B 81 11.27 -22.58 3.84
CA LEU B 81 10.63 -22.97 5.09
C LEU B 81 10.60 -24.50 5.20
N TYR B 82 10.91 -25.07 6.35
CA TYR B 82 10.96 -26.50 6.56
C TYR B 82 10.03 -26.95 7.68
N LEU B 83 9.39 -28.11 7.52
CA LEU B 83 8.82 -28.85 8.63
C LEU B 83 9.59 -30.15 8.81
N GLN B 84 10.22 -30.30 9.97
CA GLN B 84 10.85 -31.52 10.39
C GLN B 84 9.87 -32.27 11.29
N MET B 85 9.49 -33.46 10.88
CA MET B 85 8.61 -34.35 11.61
C MET B 85 9.46 -35.47 12.17
N THR B 86 9.37 -35.75 13.46
CA THR B 86 9.91 -36.98 14.05
C THR B 86 8.86 -37.65 14.90
N ASP B 87 9.08 -38.92 15.27
CA ASP B 87 8.17 -39.67 16.12
C ASP B 87 6.75 -39.72 15.51
N VAL B 88 6.69 -39.94 14.19
CA VAL B 88 5.44 -39.88 13.42
C VAL B 88 4.44 -40.94 13.89
N LYS B 89 3.24 -40.54 14.31
CA LYS B 89 2.13 -41.44 14.63
C LYS B 89 1.30 -41.72 13.38
N PRO B 90 0.46 -42.77 13.35
CA PRO B 90 -0.45 -42.99 12.22
C PRO B 90 -1.47 -41.85 12.03
N GLY B 91 -1.76 -41.12 13.12
CA GLY B 91 -2.60 -39.92 13.11
C GLY B 91 -1.97 -38.68 12.45
N ASP B 92 -0.72 -38.74 12.02
CA ASP B 92 -0.05 -37.67 11.29
C ASP B 92 -0.07 -37.83 9.77
N ALA B 93 -0.63 -38.89 9.19
CA ALA B 93 -0.78 -38.94 7.73
C ALA B 93 -1.78 -37.88 7.26
N ALA B 94 -1.42 -37.12 6.24
CA ALA B 94 -2.23 -36.06 5.65
C ALA B 94 -1.57 -35.49 4.40
N VAL B 95 -2.29 -34.66 3.65
CA VAL B 95 -1.65 -33.68 2.77
C VAL B 95 -1.21 -32.52 3.63
N TYR B 96 0.09 -32.21 3.62
CA TYR B 96 0.67 -31.10 4.36
C TYR B 96 0.84 -29.93 3.41
N ILE B 97 0.39 -28.76 3.84
CA ILE B 97 0.22 -27.57 3.00
C ILE B 97 1.00 -26.41 3.60
N CYS B 98 1.75 -25.70 2.76
CA CYS B 98 2.51 -24.50 3.18
C CYS B 98 1.58 -23.29 3.19
N HIS B 99 1.70 -22.44 4.19
CA HIS B 99 0.89 -21.22 4.34
C HIS B 99 1.81 -20.00 4.43
N ALA B 100 1.34 -18.83 4.07
CA ALA B 100 2.11 -17.57 4.15
C ALA B 100 1.12 -16.42 4.22
N ASN B 101 1.25 -15.56 5.24
CA ASN B 101 0.34 -14.43 5.39
C ASN B 101 1.06 -13.10 5.11
N TYR B 102 0.61 -12.31 4.14
CA TYR B 102 0.99 -10.91 4.04
C TYR B 102 0.20 -10.09 5.06
N ARG B 103 0.88 -9.34 5.93
CA ARG B 103 0.25 -8.43 6.90
C ARG B 103 0.37 -7.00 6.38
N ILE B 104 -0.72 -6.43 5.90
CA ILE B 104 -0.77 -5.12 5.25
C ILE B 104 -1.62 -4.16 6.11
N GLY B 105 -0.98 -3.48 7.06
CA GLY B 105 -1.68 -2.72 8.08
C GLY B 105 -2.62 -3.60 8.88
N ARG B 106 -3.91 -3.26 8.93
CA ARG B 106 -4.94 -4.06 9.59
C ARG B 106 -5.42 -5.27 8.78
N ASN B 107 -4.94 -5.43 7.55
CA ASN B 107 -5.44 -6.41 6.60
C ASN B 107 -4.49 -7.61 6.51
N ASP B 108 -5.03 -8.81 6.60
CA ASP B 108 -4.31 -10.07 6.46
C ASP B 108 -4.68 -10.73 5.14
N LEU B 109 -3.68 -11.11 4.36
CA LEU B 109 -3.85 -11.60 3.01
C LEU B 109 -3.11 -12.95 2.87
N PRO B 110 -3.83 -14.08 2.94
CA PRO B 110 -3.23 -15.41 3.05
C PRO B 110 -2.90 -16.03 1.70
N VAL B 111 -1.82 -16.82 1.71
CA VAL B 111 -1.34 -17.55 0.52
C VAL B 111 -1.33 -19.04 0.89
N TRP B 112 -1.68 -19.93 -0.03
CA TRP B 112 -1.78 -21.39 0.24
C TRP B 112 -1.16 -22.18 -0.90
N GLY B 113 -0.50 -23.29 -0.58
CA GLY B 113 0.06 -24.19 -1.60
C GLY B 113 -0.85 -25.37 -1.85
N LYS B 114 -0.62 -26.13 -2.93
CA LYS B 114 -1.42 -27.34 -3.25
C LYS B 114 -1.20 -28.38 -2.17
N GLY B 115 -0.06 -28.37 -1.48
CA GLY B 115 0.24 -29.37 -0.48
C GLY B 115 0.95 -30.60 -1.05
N THR B 116 1.61 -31.35 -0.17
CA THR B 116 2.37 -32.56 -0.47
C THR B 116 1.89 -33.72 0.41
N PRO B 117 1.66 -34.91 -0.14
CA PRO B 117 1.15 -36.05 0.61
C PRO B 117 2.18 -36.67 1.55
N VAL B 118 1.79 -36.98 2.79
CA VAL B 118 2.53 -37.80 3.74
C VAL B 118 1.68 -39.00 4.13
N THR B 119 2.19 -40.21 3.93
CA THR B 119 1.51 -41.47 4.25
C THR B 119 2.31 -42.23 5.29
N VAL B 120 1.65 -42.96 6.18
CA VAL B 120 2.29 -43.65 7.30
C VAL B 120 2.02 -45.15 7.28
N SER B 121 3.07 -45.96 7.38
CA SER B 121 2.99 -47.40 7.63
C SER B 121 3.11 -47.74 9.11
N ALA B 122 2.42 -48.80 9.54
CA ALA B 122 2.61 -49.42 10.85
C ALA B 122 3.92 -50.21 10.93
#